data_9MBM
#
_entry.id   9MBM
#
_cell.length_a   46.091
_cell.length_b   47.374
_cell.length_c   123.467
_cell.angle_alpha   90.000
_cell.angle_beta   90.000
_cell.angle_gamma   90.000
#
_symmetry.space_group_name_H-M   'P 21 21 21'
#
loop_
_entity.id
_entity.type
_entity.pdbx_description
1 polymer '7,8-dihydro-8-oxoguanine triphosphatase'
2 non-polymer '[[(2R,3S,5R)-5-(6-azanyl-2-oxidanylidene-1H-purin-9-yl)-3-oxidanyl-oxolan-2-yl]methoxy-oxidanyl-phosphoryl] phosphono hydrogen phosphate'
3 non-polymer "2'-DEOXYISOGUANINE-5'-MONOPHOSPHATE"
4 non-polymer 'MANGANESE (II) ION'
5 water water
#
_entity_poly.entity_id   1
_entity_poly.type   'polypeptide(L)'
_entity_poly.pdbx_seq_one_letter_code
;MKASRLYTLVLVLQPQRVLLGMKKRGFGAGRWNGFGGKVQEGETIEDGARRELQEESGLTVDALHKVGQIVFEFVGEPEL
MDVHVFCTDSIQGTPVESDEMRPCWFQLDQIPFKDMWPDDSYWFPLLLQKKKFHGYFKFQGQDTILDYTLREVDTV
;
_entity_poly.pdbx_strand_id   A,B
#
loop_
_chem_comp.id
_chem_comp.type
_chem_comp.name
_chem_comp.formula
6U4 non-polymer '[[(2R,3S,5R)-5-(6-azanyl-2-oxidanylidene-1H-purin-9-yl)-3-oxidanyl-oxolan-2-yl]methoxy-oxidanyl-phosphoryl] phosphono hydrogen phosphate' 'C10 H16 N5 O13 P3'
IGU DNA linking 2'-DEOXYISOGUANINE-5'-MONOPHOSPHATE 'C10 H14 N5 O7 P'
MN non-polymer 'MANGANESE (II) ION' 'Mn 2'
#
# COMPACT_ATOMS: atom_id res chain seq x y z
N MET A 1 -1.43 -5.05 -15.58
CA MET A 1 -1.63 -4.59 -14.22
C MET A 1 -2.90 -3.77 -14.09
N LYS A 2 -3.49 -3.79 -12.91
N LYS A 2 -3.49 -3.79 -12.91
CA LYS A 2 -4.76 -3.14 -12.65
CA LYS A 2 -4.75 -3.10 -12.67
C LYS A 2 -4.58 -2.00 -11.65
C LYS A 2 -4.53 -1.94 -11.70
N ALA A 3 -5.45 -1.00 -11.77
CA ALA A 3 -5.50 0.07 -10.79
C ALA A 3 -6.39 -0.36 -9.62
N SER A 4 -6.17 0.26 -8.47
N SER A 4 -6.17 0.29 -8.47
CA SER A 4 -6.97 -0.05 -7.29
CA SER A 4 -6.92 -0.01 -7.25
C SER A 4 -7.48 1.23 -6.63
C SER A 4 -7.51 1.27 -6.70
N ARG A 5 -8.65 1.13 -6.03
CA ARG A 5 -9.30 2.23 -5.31
C ARG A 5 -9.29 1.92 -3.82
N LEU A 6 -9.01 2.94 -3.00
CA LEU A 6 -8.89 2.76 -1.56
C LEU A 6 -10.25 2.72 -0.86
N TYR A 7 -10.45 1.70 -0.03
CA TYR A 7 -11.62 1.56 0.83
C TYR A 7 -11.20 1.24 2.26
N THR A 8 -12.10 1.50 3.22
CA THR A 8 -11.87 1.15 4.61
C THR A 8 -12.92 0.16 5.09
N LEU A 9 -12.55 -0.55 6.16
CA LEU A 9 -13.48 -1.47 6.82
C LEU A 9 -13.12 -1.46 8.30
N VAL A 10 -14.09 -1.17 9.17
CA VAL A 10 -13.84 -1.01 10.59
C VAL A 10 -14.69 -1.99 11.38
N LEU A 11 -14.03 -2.76 12.25
CA LEU A 11 -14.69 -3.70 13.15
C LEU A 11 -14.54 -3.19 14.59
N VAL A 12 -15.68 -2.90 15.22
CA VAL A 12 -15.72 -2.56 16.64
C VAL A 12 -15.76 -3.88 17.39
N LEU A 13 -14.58 -4.34 17.82
CA LEU A 13 -14.42 -5.65 18.42
C LEU A 13 -14.13 -5.47 19.91
N GLN A 14 -15.05 -5.94 20.74
CA GLN A 14 -14.93 -5.88 22.19
C GLN A 14 -14.70 -7.31 22.71
N PRO A 15 -14.45 -7.48 24.01
CA PRO A 15 -14.01 -8.82 24.47
C PRO A 15 -15.00 -9.94 24.18
N GLN A 16 -16.29 -9.66 24.10
CA GLN A 16 -17.31 -10.69 23.95
C GLN A 16 -18.26 -10.46 22.79
N ARG A 17 -18.08 -9.38 22.02
CA ARG A 17 -19.03 -9.05 20.97
C ARG A 17 -18.36 -8.19 19.92
N VAL A 18 -19.00 -8.11 18.76
CA VAL A 18 -18.55 -7.28 17.65
C VAL A 18 -19.74 -6.54 17.08
N LEU A 19 -19.53 -5.29 16.69
CA LEU A 19 -20.55 -4.50 16.04
C LEU A 19 -20.48 -4.74 14.53
N LEU A 20 -21.61 -5.07 13.93
CA LEU A 20 -21.72 -5.17 12.49
C LEU A 20 -22.90 -4.31 12.03
N GLY A 21 -22.90 -3.98 10.75
CA GLY A 21 -23.99 -3.21 10.20
C GLY A 21 -24.67 -3.94 9.06
N MET A 22 -26.01 -3.96 9.07
CA MET A 22 -26.75 -4.51 7.95
C MET A 22 -26.80 -3.45 6.85
N LYS A 23 -26.18 -3.76 5.72
CA LYS A 23 -26.10 -2.83 4.60
C LYS A 23 -27.49 -2.67 4.00
N LYS A 24 -28.03 -1.45 4.05
CA LYS A 24 -29.41 -1.22 3.65
C LYS A 24 -29.55 -0.89 2.17
N ARG A 25 -28.46 -0.52 1.49
CA ARG A 25 -28.51 -0.12 0.10
C ARG A 25 -27.10 -0.18 -0.47
N GLY A 26 -27.02 -0.17 -1.80
CA GLY A 26 -25.73 -0.08 -2.46
C GLY A 26 -24.96 -1.39 -2.48
N PHE A 27 -23.64 -1.27 -2.47
CA PHE A 27 -22.74 -2.41 -2.65
C PHE A 27 -22.84 -3.35 -1.45
N GLY A 28 -23.14 -4.62 -1.71
CA GLY A 28 -23.26 -5.60 -0.65
C GLY A 28 -24.49 -5.47 0.22
N ALA A 29 -25.56 -4.85 -0.31
CA ALA A 29 -26.78 -4.68 0.47
C ALA A 29 -27.34 -6.04 0.88
N GLY A 30 -27.86 -6.11 2.11
CA GLY A 30 -28.43 -7.34 2.65
C GLY A 30 -27.46 -8.20 3.43
N ARG A 31 -26.19 -7.83 3.49
CA ARG A 31 -25.19 -8.54 4.26
C ARG A 31 -24.74 -7.73 5.46
N TRP A 32 -24.45 -8.41 6.55
CA TRP A 32 -23.76 -7.81 7.68
C TRP A 32 -22.31 -7.56 7.31
N ASN A 33 -21.79 -6.40 7.70
CA ASN A 33 -20.45 -6.01 7.31
C ASN A 33 -19.90 -5.05 8.35
N GLY A 34 -18.59 -4.93 8.40
CA GLY A 34 -18.00 -3.80 9.09
C GLY A 34 -18.40 -2.49 8.43
N PHE A 35 -18.04 -1.39 9.10
CA PHE A 35 -18.37 -0.06 8.60
C PHE A 35 -17.21 0.50 7.79
N GLY A 36 -17.53 1.23 6.72
CA GLY A 36 -16.47 1.74 5.88
C GLY A 36 -16.96 2.18 4.52
N GLY A 37 -16.02 2.67 3.73
CA GLY A 37 -16.33 3.17 2.42
C GLY A 37 -15.10 3.70 1.73
N LYS A 38 -15.32 4.49 0.68
CA LYS A 38 -14.20 4.99 -0.10
C LYS A 38 -13.41 6.02 0.72
N VAL A 39 -12.09 5.94 0.64
CA VAL A 39 -11.25 7.00 1.17
C VAL A 39 -11.34 8.22 0.25
N GLN A 40 -11.47 9.39 0.86
CA GLN A 40 -11.63 10.62 0.10
C GLN A 40 -10.31 11.37 -0.03
N GLU A 41 -10.23 12.26 -1.01
CA GLU A 41 -9.02 13.05 -1.18
C GLU A 41 -8.79 13.92 0.03
N GLY A 42 -7.54 13.98 0.50
CA GLY A 42 -7.19 14.83 1.62
C GLY A 42 -6.94 14.11 2.92
N GLU A 43 -7.69 13.05 3.18
CA GLU A 43 -7.62 12.37 4.47
C GLU A 43 -6.70 11.15 4.39
N THR A 44 -6.08 10.82 5.52
CA THR A 44 -5.36 9.57 5.60
C THR A 44 -6.34 8.41 5.59
N ILE A 45 -5.83 7.21 5.31
CA ILE A 45 -6.69 6.04 5.32
C ILE A 45 -7.34 5.86 6.68
N GLU A 46 -6.57 6.02 7.76
CA GLU A 46 -7.12 5.88 9.11
C GLU A 46 -8.19 6.94 9.37
N ASP A 47 -7.97 8.17 8.93
CA ASP A 47 -8.97 9.20 9.17
C ASP A 47 -10.23 8.94 8.35
N GLY A 48 -10.09 8.41 7.13
CA GLY A 48 -11.25 8.01 6.38
C GLY A 48 -12.02 6.91 7.05
N ALA A 49 -11.31 5.98 7.68
CA ALA A 49 -11.97 4.91 8.41
C ALA A 49 -12.75 5.46 9.60
N ARG A 50 -12.16 6.42 10.34
CA ARG A 50 -12.88 7.04 11.45
C ARG A 50 -14.10 7.80 10.95
N ARG A 51 -13.97 8.51 9.82
CA ARG A 51 -15.09 9.25 9.26
C ARG A 51 -16.24 8.32 8.87
N GLU A 52 -15.93 7.23 8.16
CA GLU A 52 -17.00 6.34 7.72
C GLU A 52 -17.65 5.64 8.90
N LEU A 53 -16.87 5.28 9.92
CA LEU A 53 -17.48 4.70 11.12
C LEU A 53 -18.48 5.66 11.75
N GLN A 54 -18.11 6.94 11.85
CA GLN A 54 -19.03 7.94 12.41
C GLN A 54 -20.26 8.10 11.54
N GLU A 55 -20.07 8.23 10.22
CA GLU A 55 -21.21 8.43 9.33
C GLU A 55 -22.16 7.24 9.37
N GLU A 56 -21.63 6.03 9.38
CA GLU A 56 -22.47 4.85 9.21
C GLU A 56 -23.00 4.27 10.52
N SER A 57 -22.29 4.47 11.64
CA SER A 57 -22.70 3.90 12.92
C SER A 57 -22.98 4.93 14.00
N GLY A 58 -22.56 6.17 13.81
CA GLY A 58 -22.69 7.20 14.82
C GLY A 58 -21.56 7.25 15.82
N LEU A 59 -20.68 6.25 15.82
CA LEU A 59 -19.60 6.17 16.80
C LEU A 59 -18.44 7.05 16.39
N THR A 60 -18.03 7.92 17.30
N THR A 60 -17.97 7.87 17.33
CA THR A 60 -16.84 8.73 17.14
CA THR A 60 -16.84 8.76 17.12
C THR A 60 -15.73 8.08 17.96
C THR A 60 -15.67 8.26 17.97
N VAL A 61 -14.60 7.83 17.32
CA VAL A 61 -13.43 7.29 18.00
C VAL A 61 -12.23 8.16 17.62
N ASP A 62 -11.28 8.25 18.55
CA ASP A 62 -10.08 9.04 18.28
C ASP A 62 -9.01 8.26 17.54
N ALA A 63 -8.99 6.93 17.66
CA ALA A 63 -7.90 6.14 17.14
C ALA A 63 -8.38 4.74 16.77
N LEU A 64 -7.82 4.21 15.69
CA LEU A 64 -8.03 2.85 15.26
C LEU A 64 -6.68 2.17 15.18
N HIS A 65 -6.67 0.85 15.14
CA HIS A 65 -5.45 0.13 14.83
C HIS A 65 -5.64 -0.75 13.59
N LYS A 66 -4.64 -0.70 12.72
N LYS A 66 -4.64 -0.76 12.73
CA LYS A 66 -4.67 -1.52 11.51
CA LYS A 66 -4.73 -1.50 11.48
C LYS A 66 -4.59 -2.99 11.89
C LYS A 66 -4.49 -2.98 11.72
N VAL A 67 -5.42 -3.80 11.25
CA VAL A 67 -5.37 -5.24 11.45
C VAL A 67 -5.18 -6.03 10.16
N GLY A 68 -5.51 -5.46 9.01
CA GLY A 68 -5.32 -6.22 7.79
C GLY A 68 -5.53 -5.38 6.55
N GLN A 69 -5.25 -6.00 5.40
CA GLN A 69 -5.48 -5.39 4.12
C GLN A 69 -5.94 -6.50 3.19
N ILE A 70 -7.03 -6.25 2.47
CA ILE A 70 -7.63 -7.25 1.58
C ILE A 70 -7.90 -6.60 0.24
N VAL A 71 -7.45 -7.24 -0.83
CA VAL A 71 -7.70 -6.77 -2.18
C VAL A 71 -8.79 -7.63 -2.79
N PHE A 72 -9.85 -6.98 -3.29
CA PHE A 72 -10.95 -7.68 -3.95
C PHE A 72 -10.93 -7.40 -5.45
N GLU A 73 -11.04 -8.46 -6.24
CA GLU A 73 -11.18 -8.37 -7.67
C GLU A 73 -12.50 -9.01 -8.05
N PHE A 74 -13.24 -8.37 -8.96
CA PHE A 74 -14.52 -8.88 -9.46
C PHE A 74 -14.41 -9.13 -10.95
N VAL A 75 -14.89 -10.30 -11.37
CA VAL A 75 -14.93 -10.61 -12.80
C VAL A 75 -15.68 -9.49 -13.52
N GLY A 76 -15.10 -9.01 -14.62
CA GLY A 76 -15.72 -7.98 -15.42
C GLY A 76 -15.48 -6.55 -14.96
N GLU A 77 -14.84 -6.35 -13.80
CA GLU A 77 -14.51 -5.02 -13.29
C GLU A 77 -13.00 -4.86 -13.33
N PRO A 78 -12.41 -3.92 -14.07
CA PRO A 78 -10.94 -3.82 -14.05
C PRO A 78 -10.38 -3.19 -12.78
N GLU A 79 -11.15 -2.42 -12.03
CA GLU A 79 -10.62 -1.75 -10.84
C GLU A 79 -10.67 -2.67 -9.62
N LEU A 80 -9.53 -2.80 -8.94
CA LEU A 80 -9.49 -3.57 -7.70
C LEU A 80 -9.96 -2.72 -6.52
N MET A 81 -10.55 -3.36 -5.51
CA MET A 81 -10.89 -2.71 -4.25
C MET A 81 -9.79 -3.03 -3.25
N ASP A 82 -9.05 -2.00 -2.83
CA ASP A 82 -7.97 -2.16 -1.85
C ASP A 82 -8.53 -1.76 -0.49
N VAL A 83 -8.92 -2.76 0.30
CA VAL A 83 -9.66 -2.53 1.54
C VAL A 83 -8.71 -2.60 2.72
N HIS A 84 -8.59 -1.49 3.46
CA HIS A 84 -7.76 -1.42 4.65
C HIS A 84 -8.64 -1.62 5.88
N VAL A 85 -8.32 -2.65 6.67
CA VAL A 85 -9.17 -3.15 7.75
C VAL A 85 -8.62 -2.68 9.09
N PHE A 86 -9.50 -2.13 9.93
CA PHE A 86 -9.12 -1.56 11.21
C PHE A 86 -10.03 -2.11 12.29
N CYS A 87 -9.52 -2.09 13.53
N CYS A 87 -9.52 -2.09 13.53
CA CYS A 87 -10.26 -2.53 14.70
CA CYS A 87 -10.30 -2.35 14.73
C CYS A 87 -10.06 -1.57 15.85
C CYS A 87 -10.23 -1.12 15.62
N THR A 88 -11.05 -1.53 16.73
N THR A 88 -11.28 -0.94 16.41
CA THR A 88 -10.90 -0.88 18.02
CA THR A 88 -11.33 0.19 17.34
C THR A 88 -11.84 -1.55 19.02
C THR A 88 -10.45 -0.05 18.56
N ASP A 89 -11.43 -1.57 20.28
N ASP A 89 -9.85 1.03 19.07
CA ASP A 89 -12.29 -1.99 21.36
CA ASP A 89 -9.11 0.97 20.33
C ASP A 89 -12.80 -0.82 22.19
C ASP A 89 -10.07 1.04 21.52
N SER A 90 -12.25 0.36 21.96
N SER A 90 -11.06 1.91 21.44
CA SER A 90 -12.51 1.54 22.80
CA SER A 90 -12.08 2.09 22.48
C SER A 90 -13.47 2.45 22.07
C SER A 90 -13.22 2.89 21.87
N ILE A 91 -14.73 2.45 22.52
N ILE A 91 -14.41 2.76 22.46
CA ILE A 91 -15.74 3.39 22.06
CA ILE A 91 -15.57 3.54 22.05
C ILE A 91 -16.32 4.08 23.30
C ILE A 91 -16.20 4.17 23.29
N GLN A 92 -17.07 5.16 23.06
CA GLN A 92 -17.65 5.92 24.17
C GLN A 92 -19.02 6.51 23.83
N GLY A 93 -19.77 5.85 22.94
CA GLY A 93 -21.12 6.23 22.61
C GLY A 93 -21.88 5.02 22.14
N THR A 94 -23.13 5.24 21.70
CA THR A 94 -23.97 4.14 21.26
C THR A 94 -24.13 4.16 19.74
N PRO A 95 -24.25 2.98 19.11
CA PRO A 95 -24.48 2.94 17.66
C PRO A 95 -25.86 3.42 17.29
N VAL A 96 -25.95 4.06 16.14
CA VAL A 96 -27.20 4.64 15.63
C VAL A 96 -27.38 4.22 14.18
N GLU A 97 -28.61 3.87 13.81
CA GLU A 97 -28.93 3.58 12.43
C GLU A 97 -28.69 4.79 11.53
N SER A 98 -28.07 4.54 10.37
CA SER A 98 -27.87 5.53 9.32
C SER A 98 -28.63 5.09 8.08
N ASP A 99 -28.60 5.93 7.05
CA ASP A 99 -29.24 5.55 5.79
C ASP A 99 -28.54 4.35 5.16
N GLU A 100 -27.25 4.19 5.42
N GLU A 100 -27.25 4.18 5.43
CA GLU A 100 -26.48 3.11 4.80
CA GLU A 100 -26.48 3.11 4.80
C GLU A 100 -26.53 1.81 5.61
C GLU A 100 -26.48 1.82 5.60
N MET A 101 -26.52 1.90 6.94
CA MET A 101 -26.29 0.75 7.79
C MET A 101 -27.20 0.73 9.01
N ARG A 102 -27.68 -0.46 9.35
CA ARG A 102 -28.33 -0.69 10.64
C ARG A 102 -27.37 -1.46 11.55
N PRO A 103 -26.79 -0.83 12.57
CA PRO A 103 -25.85 -1.54 13.43
C PRO A 103 -26.54 -2.50 14.39
N CYS A 104 -25.82 -3.56 14.73
N CYS A 104 -25.85 -3.60 14.69
CA CYS A 104 -26.29 -4.55 15.68
CA CYS A 104 -26.30 -4.57 15.68
C CYS A 104 -25.08 -5.23 16.29
C CYS A 104 -25.08 -5.24 16.29
N TRP A 105 -25.13 -5.50 17.59
CA TRP A 105 -24.09 -6.23 18.29
C TRP A 105 -24.32 -7.73 18.15
N PHE A 106 -23.25 -8.46 17.87
CA PHE A 106 -23.28 -9.93 17.83
C PHE A 106 -22.30 -10.49 18.85
N GLN A 107 -22.76 -11.46 19.61
CA GLN A 107 -21.84 -12.20 20.48
C GLN A 107 -20.83 -12.96 19.63
N LEU A 108 -19.64 -13.18 20.20
CA LEU A 108 -18.56 -13.79 19.44
C LEU A 108 -18.70 -15.30 19.20
N ASP A 109 -19.74 -15.93 19.74
CA ASP A 109 -20.09 -17.30 19.36
C ASP A 109 -21.30 -17.33 18.43
N GLN A 110 -21.69 -16.17 17.89
CA GLN A 110 -22.82 -16.00 16.99
C GLN A 110 -22.46 -15.07 15.81
N ILE A 111 -21.21 -15.15 15.34
N ILE A 111 -21.20 -15.14 15.37
CA ILE A 111 -20.82 -14.32 14.21
CA ILE A 111 -20.82 -14.35 14.19
C ILE A 111 -21.60 -14.77 12.97
C ILE A 111 -21.67 -14.78 13.01
N PRO A 112 -22.36 -13.89 12.33
CA PRO A 112 -23.33 -14.32 11.31
C PRO A 112 -22.71 -14.57 9.94
N PHE A 113 -21.79 -15.54 9.89
CA PHE A 113 -20.98 -15.76 8.68
C PHE A 113 -21.84 -16.00 7.45
N LYS A 114 -22.97 -16.70 7.59
CA LYS A 114 -23.76 -17.04 6.41
C LYS A 114 -24.39 -15.81 5.77
N ASP A 115 -24.50 -14.72 6.53
CA ASP A 115 -25.06 -13.47 6.06
C ASP A 115 -24.01 -12.38 5.96
N MET A 116 -22.74 -12.77 5.88
CA MET A 116 -21.62 -11.87 5.61
C MET A 116 -21.02 -12.19 4.25
N TRP A 117 -20.18 -11.30 3.76
CA TRP A 117 -19.44 -11.60 2.54
C TRP A 117 -18.69 -12.92 2.72
N PRO A 118 -18.65 -13.79 1.70
CA PRO A 118 -18.02 -15.11 1.90
C PRO A 118 -16.56 -15.04 2.34
N ASP A 119 -15.81 -14.03 1.91
CA ASP A 119 -14.41 -13.94 2.32
C ASP A 119 -14.25 -13.78 3.82
N ASP A 120 -15.25 -13.18 4.49
CA ASP A 120 -15.13 -12.95 5.94
C ASP A 120 -14.93 -14.26 6.70
N SER A 121 -15.45 -15.38 6.18
CA SER A 121 -15.25 -16.65 6.86
C SER A 121 -13.77 -17.00 6.98
N TYR A 122 -12.95 -16.51 6.06
CA TYR A 122 -11.52 -16.81 6.06
C TYR A 122 -10.72 -15.85 6.94
N TRP A 123 -10.96 -14.55 6.81
CA TRP A 123 -10.09 -13.61 7.49
C TRP A 123 -10.59 -13.15 8.86
N PHE A 124 -11.91 -13.14 9.06
N PHE A 124 -11.91 -13.15 9.08
CA PHE A 124 -12.46 -12.76 10.36
CA PHE A 124 -12.40 -12.72 10.38
C PHE A 124 -11.87 -13.56 11.52
C PHE A 124 -11.88 -13.56 11.55
N PRO A 125 -11.70 -14.88 11.43
CA PRO A 125 -11.09 -15.60 12.55
C PRO A 125 -9.70 -15.13 12.92
N LEU A 126 -8.92 -14.66 11.93
CA LEU A 126 -7.61 -14.09 12.24
C LEU A 126 -7.77 -12.81 13.05
N LEU A 127 -8.73 -11.98 12.67
CA LEU A 127 -9.01 -10.77 13.43
C LEU A 127 -9.36 -11.10 14.87
N LEU A 128 -10.14 -12.17 15.07
CA LEU A 128 -10.52 -12.53 16.43
C LEU A 128 -9.33 -13.01 17.25
N GLN A 129 -8.37 -13.68 16.63
CA GLN A 129 -7.15 -14.11 17.29
C GLN A 129 -6.13 -12.98 17.41
N LYS A 130 -6.47 -11.77 16.97
CA LYS A 130 -5.58 -10.62 17.05
C LYS A 130 -4.30 -10.85 16.24
N LYS A 131 -4.45 -11.46 15.05
N LYS A 131 -4.44 -11.52 15.11
CA LYS A 131 -3.37 -11.67 14.10
CA LYS A 131 -3.38 -11.61 14.13
C LYS A 131 -3.59 -10.79 12.87
C LYS A 131 -3.58 -10.50 13.10
N LYS A 132 -2.51 -10.19 12.38
CA LYS A 132 -2.57 -9.30 11.24
C LYS A 132 -2.47 -10.10 9.94
N PHE A 133 -3.09 -9.60 8.87
CA PHE A 133 -3.22 -10.42 7.68
C PHE A 133 -3.20 -9.57 6.41
N HIS A 134 -2.82 -10.22 5.31
CA HIS A 134 -3.03 -9.71 3.96
C HIS A 134 -3.84 -10.75 3.21
N GLY A 135 -4.83 -10.30 2.44
CA GLY A 135 -5.68 -11.20 1.68
C GLY A 135 -5.95 -10.67 0.29
N TYR A 136 -6.35 -11.59 -0.59
CA TYR A 136 -6.81 -11.27 -1.92
C TYR A 136 -7.92 -12.24 -2.26
N PHE A 137 -9.01 -11.75 -2.83
CA PHE A 137 -10.12 -12.62 -3.22
C PHE A 137 -10.66 -12.17 -4.56
N LYS A 138 -10.78 -13.11 -5.50
CA LYS A 138 -11.42 -12.87 -6.79
C LYS A 138 -12.83 -13.46 -6.77
N PHE A 139 -13.82 -12.63 -7.08
CA PHE A 139 -15.22 -13.02 -7.05
C PHE A 139 -15.82 -13.03 -8.44
N GLN A 140 -16.66 -14.03 -8.70
CA GLN A 140 -17.65 -13.98 -9.76
C GLN A 140 -18.94 -13.52 -9.11
N GLY A 141 -19.38 -12.30 -9.43
CA GLY A 141 -20.57 -11.80 -8.77
C GLY A 141 -20.34 -11.58 -7.29
N GLN A 142 -21.41 -11.74 -6.51
CA GLN A 142 -21.36 -11.48 -5.09
C GLN A 142 -21.11 -12.73 -4.25
N ASP A 143 -21.22 -13.93 -4.83
CA ASP A 143 -21.32 -15.14 -4.02
C ASP A 143 -20.17 -16.11 -4.17
N THR A 144 -19.42 -16.05 -5.28
CA THR A 144 -18.56 -17.15 -5.67
C THR A 144 -17.11 -16.70 -5.73
N ILE A 145 -16.27 -17.32 -4.90
CA ILE A 145 -14.84 -17.06 -4.91
C ILE A 145 -14.19 -18.00 -5.93
N LEU A 146 -13.44 -17.44 -6.88
CA LEU A 146 -12.71 -18.21 -7.88
C LEU A 146 -11.26 -18.43 -7.52
N ASP A 147 -10.69 -17.56 -6.69
CA ASP A 147 -9.29 -17.64 -6.32
C ASP A 147 -9.12 -16.76 -5.10
N TYR A 148 -8.24 -17.17 -4.19
CA TYR A 148 -7.96 -16.31 -3.04
C TYR A 148 -6.61 -16.67 -2.44
N THR A 149 -6.02 -15.70 -1.77
N THR A 149 -6.05 -15.71 -1.72
CA THR A 149 -4.85 -15.91 -0.93
CA THR A 149 -4.81 -15.85 -0.97
C THR A 149 -5.13 -15.27 0.42
C THR A 149 -5.01 -15.19 0.39
N LEU A 150 -4.51 -15.84 1.45
CA LEU A 150 -4.60 -15.28 2.79
C LEU A 150 -3.33 -15.64 3.52
N ARG A 151 -2.68 -14.65 4.12
N ARG A 151 -2.68 -14.64 4.11
CA ARG A 151 -1.45 -14.92 4.86
CA ARG A 151 -1.37 -14.80 4.72
C ARG A 151 -1.39 -14.06 6.11
C ARG A 151 -1.35 -13.99 6.01
N GLU A 152 -0.83 -14.62 7.17
N GLU A 152 -0.88 -14.60 7.10
CA GLU A 152 -0.57 -13.85 8.38
CA GLU A 152 -0.59 -13.84 8.29
C GLU A 152 0.75 -13.11 8.23
C GLU A 152 0.70 -13.06 8.07
N VAL A 153 0.74 -11.83 8.59
CA VAL A 153 1.91 -10.96 8.46
C VAL A 153 2.22 -10.36 9.82
N ASP A 154 3.48 -9.94 9.99
CA ASP A 154 3.84 -9.23 11.21
C ASP A 154 3.49 -7.76 11.13
N THR A 155 3.43 -7.22 9.91
CA THR A 155 3.19 -5.79 9.69
C THR A 155 2.22 -5.65 8.53
N VAL A 156 1.12 -4.92 8.76
CA VAL A 156 0.12 -4.74 7.71
C VAL A 156 0.64 -3.80 6.62
N MET B 1 -11.85 10.42 -5.34
N MET B 1 -11.80 10.02 -5.00
CA MET B 1 -10.40 10.33 -5.28
CA MET B 1 -10.45 10.44 -5.37
C MET B 1 -9.88 9.44 -6.41
C MET B 1 -9.98 9.65 -6.60
N LYS B 2 -8.69 9.77 -6.91
CA LYS B 2 -8.11 8.99 -7.99
C LYS B 2 -7.72 7.60 -7.51
N ALA B 3 -7.86 6.63 -8.43
CA ALA B 3 -7.31 5.30 -8.21
C ALA B 3 -5.78 5.35 -8.37
N SER B 4 -5.10 4.29 -7.97
CA SER B 4 -3.64 4.25 -8.05
C SER B 4 -3.17 2.94 -8.67
N ARG B 5 -1.94 2.97 -9.15
CA ARG B 5 -1.25 1.80 -9.68
C ARG B 5 0.01 1.53 -8.87
N LEU B 6 0.34 0.26 -8.72
N LEU B 6 0.30 0.26 -8.66
CA LEU B 6 1.31 -0.19 -7.73
CA LEU B 6 1.32 -0.18 -7.72
C LEU B 6 2.71 -0.32 -8.33
C LEU B 6 2.69 -0.20 -8.39
N TYR B 7 3.68 0.35 -7.70
CA TYR B 7 5.07 0.34 -8.13
C TYR B 7 5.98 0.04 -6.96
N THR B 8 7.20 -0.41 -7.27
CA THR B 8 8.24 -0.57 -6.27
C THR B 8 9.42 0.36 -6.55
N LEU B 9 10.18 0.61 -5.49
CA LEU B 9 11.43 1.35 -5.59
C LEU B 9 12.39 0.73 -4.58
N VAL B 10 13.59 0.37 -5.04
CA VAL B 10 14.53 -0.40 -4.23
C VAL B 10 15.86 0.33 -4.16
N LEU B 11 16.32 0.57 -2.92
CA LEU B 11 17.61 1.20 -2.67
C LEU B 11 18.56 0.17 -2.09
N VAL B 12 19.65 -0.11 -2.80
CA VAL B 12 20.74 -0.91 -2.26
C VAL B 12 21.60 0.02 -1.43
N LEU B 13 21.34 0.04 -0.12
CA LEU B 13 21.97 0.97 0.80
C LEU B 13 22.91 0.19 1.71
N GLN B 14 24.16 0.60 1.73
CA GLN B 14 25.22 0.03 2.57
C GLN B 14 25.74 1.12 3.49
N PRO B 15 26.53 0.79 4.52
CA PRO B 15 26.94 1.84 5.47
C PRO B 15 27.75 2.93 4.85
N GLN B 16 28.40 2.66 3.72
CA GLN B 16 29.30 3.61 3.08
C GLN B 16 28.79 4.16 1.75
N ARG B 17 27.76 3.57 1.16
CA ARG B 17 27.40 3.93 -0.22
C ARG B 17 25.99 3.47 -0.55
N VAL B 18 25.45 4.01 -1.65
CA VAL B 18 24.16 3.62 -2.17
C VAL B 18 24.27 3.40 -3.67
N LEU B 19 23.58 2.38 -4.19
CA LEU B 19 23.56 2.12 -5.62
C LEU B 19 22.39 2.86 -6.25
N LEU B 20 22.66 3.57 -7.35
CA LEU B 20 21.61 4.20 -8.14
C LEU B 20 21.79 3.83 -9.61
N GLY B 21 20.71 3.93 -10.37
CA GLY B 21 20.78 3.67 -11.79
C GLY B 21 20.38 4.89 -12.59
N MET B 22 21.19 5.21 -13.60
N MET B 22 21.15 5.20 -13.64
CA MET B 22 20.87 6.28 -14.54
CA MET B 22 20.84 6.35 -14.49
C MET B 22 19.84 5.74 -15.52
C MET B 22 20.07 5.91 -15.72
N LYS B 23 18.62 6.25 -15.45
N LYS B 23 19.05 6.69 -16.08
CA LYS B 23 17.55 5.79 -16.33
CA LYS B 23 18.27 6.45 -17.28
C LYS B 23 17.90 6.15 -17.76
C LYS B 23 19.08 6.85 -18.51
N LYS B 24 18.04 5.14 -18.62
N LYS B 24 19.29 5.89 -19.42
CA LYS B 24 18.53 5.36 -19.97
CA LYS B 24 20.16 6.09 -20.56
C LYS B 24 17.42 5.70 -20.95
C LYS B 24 19.45 6.75 -21.74
N ARG B 25 16.20 5.23 -20.71
N ARG B 25 18.21 6.36 -22.02
CA ARG B 25 15.08 5.58 -21.57
CA ARG B 25 17.56 6.72 -23.28
C ARG B 25 13.81 5.63 -20.75
C ARG B 25 16.18 7.31 -23.01
N GLY B 26 12.78 6.24 -21.32
N GLY B 26 15.64 7.95 -24.05
CA GLY B 26 11.46 6.22 -20.73
CA GLY B 26 14.26 8.39 -24.04
C GLY B 26 11.20 7.19 -19.61
C GLY B 26 14.02 9.63 -23.20
N PHE B 27 10.39 6.76 -18.64
N PHE B 27 12.74 9.89 -22.97
CA PHE B 27 9.95 7.62 -17.55
CA PHE B 27 12.31 11.04 -22.19
C PHE B 27 11.13 8.00 -16.66
C PHE B 27 12.65 10.83 -20.72
N GLY B 28 11.27 9.29 -16.39
N GLY B 28 13.38 11.77 -20.14
CA GLY B 28 12.36 9.77 -15.56
CA GLY B 28 13.84 11.65 -18.77
C GLY B 28 13.73 9.55 -16.15
C GLY B 28 15.22 11.05 -18.62
N ALA B 29 13.84 9.50 -17.47
N ALA B 29 15.96 10.91 -19.72
CA ALA B 29 15.12 9.26 -18.12
CA ALA B 29 17.32 10.37 -19.65
C ALA B 29 16.09 10.41 -17.87
C ALA B 29 18.22 11.31 -18.87
N GLY B 30 17.38 10.09 -17.87
N GLY B 30 19.17 10.71 -18.14
CA GLY B 30 18.40 11.06 -17.55
CA GLY B 30 20.10 11.47 -17.32
C GLY B 30 18.55 11.33 -16.07
C GLY B 30 19.79 11.49 -15.84
N ARG B 31 17.77 10.69 -15.23
N ARG B 31 18.63 10.97 -15.43
CA ARG B 31 17.76 10.92 -13.80
CA ARG B 31 18.22 11.01 -14.04
C ARG B 31 18.25 9.69 -13.07
C ARG B 31 18.62 9.73 -13.30
N TRP B 32 19.10 9.89 -12.07
CA TRP B 32 19.48 8.77 -11.20
C TRP B 32 18.31 8.40 -10.33
N ASN B 33 18.08 7.10 -10.15
N ASN B 33 18.11 7.10 -10.13
CA ASN B 33 16.98 6.66 -9.31
CA ASN B 33 16.94 6.57 -9.46
C ASN B 33 17.25 5.25 -8.83
C ASN B 33 17.28 5.23 -8.81
N GLY B 34 16.49 4.85 -7.82
CA GLY B 34 16.51 3.48 -7.36
C GLY B 34 15.93 2.59 -8.44
N PHE B 35 15.95 1.28 -8.18
CA PHE B 35 15.47 0.30 -9.14
C PHE B 35 14.05 -0.09 -8.81
N GLY B 36 13.28 -0.44 -9.82
CA GLY B 36 11.91 -0.84 -9.57
C GLY B 36 11.03 -0.64 -10.79
N GLY B 37 9.75 -0.92 -10.58
CA GLY B 37 8.79 -0.81 -11.65
C GLY B 37 7.42 -1.26 -11.19
N LYS B 38 6.56 -1.57 -12.14
CA LYS B 38 5.21 -2.00 -11.81
C LYS B 38 5.23 -3.34 -11.09
N VAL B 39 4.33 -3.49 -10.13
CA VAL B 39 4.10 -4.79 -9.50
C VAL B 39 3.14 -5.57 -10.38
N GLN B 40 3.50 -6.82 -10.69
CA GLN B 40 2.69 -7.65 -11.56
C GLN B 40 1.52 -8.25 -10.80
N GLU B 41 0.49 -8.63 -11.55
CA GLU B 41 -0.70 -9.23 -10.94
C GLU B 41 -0.34 -10.52 -10.22
N GLY B 42 -0.81 -10.65 -8.99
CA GLY B 42 -0.63 -11.86 -8.21
C GLY B 42 0.66 -11.93 -7.41
N GLU B 43 1.68 -11.17 -7.77
CA GLU B 43 2.93 -11.20 -7.01
C GLU B 43 2.83 -10.21 -5.85
N THR B 44 3.46 -10.57 -4.73
CA THR B 44 3.49 -9.65 -3.61
C THR B 44 4.35 -8.44 -3.98
N ILE B 45 4.10 -7.34 -3.26
CA ILE B 45 4.91 -6.14 -3.48
C ILE B 45 6.38 -6.44 -3.27
N GLU B 46 6.70 -7.17 -2.20
CA GLU B 46 8.10 -7.46 -1.91
C GLU B 46 8.72 -8.32 -3.01
N ASP B 47 7.96 -9.28 -3.55
CA ASP B 47 8.50 -10.09 -4.64
C ASP B 47 8.65 -9.29 -5.92
N GLY B 48 7.78 -8.30 -6.15
CA GLY B 48 7.99 -7.41 -7.28
C GLY B 48 9.24 -6.57 -7.13
N ALA B 49 9.54 -6.16 -5.89
CA ALA B 49 10.75 -5.38 -5.66
C ALA B 49 12.00 -6.22 -5.96
N ARG B 50 12.01 -7.48 -5.49
CA ARG B 50 13.14 -8.36 -5.75
C ARG B 50 13.31 -8.62 -7.23
N ARG B 51 12.21 -8.88 -7.94
CA ARG B 51 12.27 -9.17 -9.36
C ARG B 51 12.82 -7.97 -10.14
N GLU B 52 12.31 -6.77 -9.85
CA GLU B 52 12.75 -5.60 -10.61
C GLU B 52 14.22 -5.31 -10.34
N LEU B 53 14.68 -5.49 -9.10
CA LEU B 53 16.09 -5.28 -8.81
C LEU B 53 16.97 -6.22 -9.62
N GLN B 54 16.60 -7.50 -9.69
N GLN B 54 16.59 -7.49 -9.72
CA GLN B 54 17.38 -8.45 -10.49
CA GLN B 54 17.39 -8.45 -10.48
C GLN B 54 17.35 -8.06 -11.96
C GLN B 54 17.33 -8.15 -11.97
N GLU B 55 16.14 -7.83 -12.50
CA GLU B 55 16.00 -7.50 -13.90
C GLU B 55 16.81 -6.25 -14.26
N GLU B 56 16.76 -5.24 -13.41
CA GLU B 56 17.32 -3.95 -13.81
C GLU B 56 18.79 -3.80 -13.46
N SER B 57 19.28 -4.51 -12.45
CA SER B 57 20.65 -4.33 -11.99
C SER B 57 21.49 -5.59 -12.03
N GLY B 58 20.88 -6.78 -12.16
CA GLY B 58 21.62 -8.03 -12.07
C GLY B 58 21.91 -8.52 -10.68
N LEU B 59 21.59 -7.74 -9.64
CA LEU B 59 21.84 -8.15 -8.28
C LEU B 59 20.75 -9.11 -7.81
N THR B 60 21.14 -10.05 -6.95
CA THR B 60 20.20 -10.88 -6.23
C THR B 60 20.09 -10.37 -4.80
N VAL B 61 18.87 -10.27 -4.31
CA VAL B 61 18.63 -9.80 -2.95
C VAL B 61 18.25 -11.00 -2.10
N ASP B 62 19.04 -11.23 -1.05
CA ASP B 62 18.73 -12.27 -0.08
C ASP B 62 17.81 -11.79 1.01
N ALA B 63 17.85 -10.50 1.35
CA ALA B 63 17.02 -9.95 2.41
C ALA B 63 16.78 -8.47 2.14
N LEU B 64 15.55 -8.03 2.37
CA LEU B 64 15.17 -6.64 2.18
C LEU B 64 14.01 -6.34 3.10
N HIS B 65 13.69 -5.05 3.23
CA HIS B 65 12.59 -4.66 4.11
C HIS B 65 11.99 -3.37 3.59
N LYS B 66 10.69 -3.20 3.85
CA LYS B 66 9.99 -1.98 3.48
C LYS B 66 10.44 -0.83 4.36
N VAL B 67 10.71 0.32 3.73
CA VAL B 67 11.08 1.51 4.47
C VAL B 67 10.11 2.66 4.28
N GLY B 68 9.27 2.64 3.24
CA GLY B 68 8.33 3.75 3.09
C GLY B 68 7.35 3.51 1.97
N GLN B 69 6.42 4.46 1.86
CA GLN B 69 5.43 4.45 0.80
C GLN B 69 5.24 5.89 0.36
N ILE B 70 5.30 6.12 -0.94
CA ILE B 70 5.13 7.47 -1.48
C ILE B 70 4.11 7.42 -2.60
N VAL B 71 3.14 8.33 -2.55
CA VAL B 71 2.12 8.44 -3.57
C VAL B 71 2.45 9.65 -4.43
N PHE B 72 2.53 9.44 -5.74
CA PHE B 72 2.79 10.53 -6.68
C PHE B 72 1.55 10.83 -7.50
N GLU B 73 1.27 12.12 -7.65
CA GLU B 73 0.16 12.61 -8.45
C GLU B 73 0.73 13.56 -9.49
N PHE B 74 0.62 13.20 -10.76
CA PHE B 74 1.12 14.05 -11.84
C PHE B 74 -0.03 14.80 -12.47
N VAL B 75 0.13 16.12 -12.60
CA VAL B 75 -0.85 16.97 -13.24
C VAL B 75 -1.16 16.42 -14.62
N GLY B 76 -2.46 16.33 -14.94
CA GLY B 76 -2.91 15.88 -16.24
C GLY B 76 -3.14 14.39 -16.37
N GLU B 77 -2.69 13.59 -15.39
CA GLU B 77 -2.88 12.15 -15.45
C GLU B 77 -4.11 11.76 -14.67
N PRO B 78 -4.72 10.61 -14.98
CA PRO B 78 -5.99 10.25 -14.35
C PRO B 78 -5.86 9.48 -13.04
N GLU B 79 -4.66 8.97 -12.74
CA GLU B 79 -4.46 8.04 -11.63
C GLU B 79 -3.19 8.42 -10.88
N LEU B 80 -3.01 7.81 -9.72
CA LEU B 80 -1.85 8.05 -8.89
C LEU B 80 -0.85 6.91 -9.04
N MET B 81 0.40 7.19 -8.69
N MET B 81 0.38 7.15 -8.60
CA MET B 81 1.42 6.15 -8.56
CA MET B 81 1.45 6.15 -8.60
C MET B 81 1.61 5.86 -7.08
C MET B 81 1.78 5.81 -7.14
N ASP B 82 1.39 4.61 -6.70
CA ASP B 82 1.59 4.19 -5.31
C ASP B 82 2.90 3.40 -5.23
N VAL B 83 3.95 4.05 -4.73
CA VAL B 83 5.31 3.52 -4.79
C VAL B 83 5.69 2.98 -3.42
N HIS B 84 6.01 1.70 -3.35
CA HIS B 84 6.44 1.06 -2.11
C HIS B 84 7.95 0.95 -2.14
N VAL B 85 8.60 1.55 -1.14
CA VAL B 85 10.06 1.76 -1.13
C VAL B 85 10.69 0.72 -0.22
N PHE B 86 11.76 0.08 -0.69
CA PHE B 86 12.44 -0.98 0.05
C PHE B 86 13.93 -0.69 0.11
N CYS B 87 14.55 -1.16 1.18
N CYS B 87 14.58 -1.23 1.14
CA CYS B 87 16.01 -1.17 1.30
CA CYS B 87 16.02 -1.13 1.34
C CYS B 87 16.48 -2.61 1.37
C CYS B 87 16.59 -2.53 1.55
N THR B 88 17.62 -2.88 0.78
CA THR B 88 18.21 -4.21 0.88
C THR B 88 18.98 -4.34 2.18
N ASP B 89 19.00 -5.56 2.69
CA ASP B 89 19.81 -5.91 3.85
C ASP B 89 20.94 -6.85 3.50
N SER B 90 20.76 -7.72 2.51
N SER B 90 20.75 -7.74 2.52
CA SER B 90 21.79 -8.67 2.10
CA SER B 90 21.77 -8.68 2.09
C SER B 90 21.64 -8.92 0.61
C SER B 90 21.63 -8.89 0.59
N ILE B 91 22.74 -8.77 -0.13
CA ILE B 91 22.73 -8.92 -1.58
C ILE B 91 23.89 -9.80 -2.00
N GLN B 92 23.87 -10.19 -3.27
N GLN B 92 23.85 -10.18 -3.27
CA GLN B 92 24.99 -10.88 -3.89
CA GLN B 92 24.93 -10.91 -3.92
C GLN B 92 25.02 -10.53 -5.37
C GLN B 92 25.05 -10.40 -5.35
N GLY B 93 26.20 -10.66 -5.95
CA GLY B 93 26.42 -10.28 -7.33
C GLY B 93 26.95 -8.87 -7.48
N THR B 94 27.25 -8.52 -8.73
CA THR B 94 27.72 -7.19 -9.10
C THR B 94 26.69 -6.52 -9.99
N PRO B 95 26.55 -5.20 -9.88
CA PRO B 95 25.60 -4.49 -10.75
C PRO B 95 26.07 -4.50 -12.20
N VAL B 96 25.10 -4.62 -13.10
N VAL B 96 25.12 -4.51 -13.12
CA VAL B 96 25.36 -4.69 -14.54
CA VAL B 96 25.46 -4.54 -14.54
C VAL B 96 24.41 -3.72 -15.23
C VAL B 96 24.63 -3.54 -15.32
N GLU B 97 24.90 -3.07 -16.27
N GLU B 97 25.27 -2.86 -16.27
CA GLU B 97 24.04 -2.19 -17.06
CA GLU B 97 24.59 -1.92 -17.15
C GLU B 97 22.97 -3.03 -17.75
C GLU B 97 23.77 -2.66 -18.19
N SER B 98 21.72 -2.59 -17.62
N SER B 98 22.59 -2.12 -18.48
CA SER B 98 20.59 -3.15 -18.34
CA SER B 98 21.73 -2.55 -19.57
C SER B 98 20.16 -2.17 -19.42
C SER B 98 21.63 -1.44 -20.60
N ASP B 99 19.13 -2.56 -20.17
N ASP B 99 20.91 -1.72 -21.68
CA ASP B 99 18.60 -1.67 -21.19
CA ASP B 99 20.64 -0.66 -22.65
C ASP B 99 18.01 -0.40 -20.58
C ASP B 99 19.74 0.43 -22.06
N GLU B 100 17.51 -0.50 -19.35
N GLU B 100 19.04 0.13 -20.97
CA GLU B 100 16.81 0.61 -18.72
CA GLU B 100 18.11 1.06 -20.35
C GLU B 100 17.67 1.40 -17.74
C GLU B 100 18.77 1.89 -19.25
N MET B 101 18.74 0.81 -17.19
N MET B 101 19.77 1.34 -18.56
CA MET B 101 19.47 1.41 -16.10
CA MET B 101 20.19 1.88 -17.28
C MET B 101 20.97 1.20 -16.24
C MET B 101 21.68 1.64 -17.09
N ARG B 102 21.75 2.25 -15.94
N ARG B 102 22.36 2.61 -16.50
CA ARG B 102 23.18 2.14 -15.74
CA ARG B 102 23.76 2.45 -16.12
C ARG B 102 23.48 2.32 -14.27
C ARG B 102 23.91 2.61 -14.62
N PRO B 103 23.78 1.25 -13.53
N PRO B 103 24.36 1.57 -13.89
CA PRO B 103 24.07 1.40 -12.09
CA PRO B 103 24.41 1.65 -12.42
C PRO B 103 25.37 2.14 -11.84
C PRO B 103 25.73 2.20 -11.92
N CYS B 104 25.45 2.76 -10.66
N CYS B 104 25.64 3.03 -10.88
CA CYS B 104 26.65 3.41 -10.19
CA CYS B 104 26.84 3.54 -10.23
C CYS B 104 26.56 3.56 -8.68
C CYS B 104 26.62 3.65 -8.74
N TRP B 105 27.69 3.38 -7.98
CA TRP B 105 27.71 3.54 -6.53
C TRP B 105 28.07 4.97 -6.18
N PHE B 106 27.37 5.54 -5.19
CA PHE B 106 27.66 6.89 -4.70
C PHE B 106 27.95 6.83 -3.20
N GLN B 107 29.00 7.55 -2.77
CA GLN B 107 29.23 7.69 -1.34
C GLN B 107 28.08 8.48 -0.71
N LEU B 108 27.86 8.25 0.59
CA LEU B 108 26.69 8.83 1.24
C LEU B 108 26.82 10.32 1.55
N ASP B 109 27.98 10.93 1.29
CA ASP B 109 28.09 12.39 1.29
C ASP B 109 28.13 12.97 -0.11
N GLN B 110 27.79 12.15 -1.12
CA GLN B 110 27.77 12.53 -2.52
C GLN B 110 26.48 12.06 -3.19
N ILE B 111 25.38 12.03 -2.47
CA ILE B 111 24.12 11.61 -3.06
C ILE B 111 23.71 12.65 -4.09
N PRO B 112 23.49 12.28 -5.35
CA PRO B 112 23.38 13.28 -6.44
C PRO B 112 21.97 13.85 -6.56
N PHE B 113 21.52 14.52 -5.49
CA PHE B 113 20.11 14.91 -5.40
C PHE B 113 19.69 15.82 -6.55
N LYS B 114 20.60 16.66 -7.04
CA LYS B 114 20.21 17.58 -8.09
C LYS B 114 19.97 16.87 -9.43
N ASP B 115 20.43 15.62 -9.57
CA ASP B 115 20.19 14.80 -10.74
C ASP B 115 19.25 13.63 -10.45
N MET B 116 18.44 13.74 -9.40
CA MET B 116 17.47 12.74 -9.02
C MET B 116 16.07 13.35 -9.10
N TRP B 117 15.04 12.51 -8.98
CA TRP B 117 13.70 13.05 -8.85
C TRP B 117 13.66 14.06 -7.71
N PRO B 118 13.02 15.22 -7.89
CA PRO B 118 13.06 16.25 -6.85
C PRO B 118 12.56 15.81 -5.49
N ASP B 119 11.61 14.87 -5.44
CA ASP B 119 11.10 14.40 -4.15
C ASP B 119 12.17 13.68 -3.34
N ASP B 120 13.16 13.07 -3.99
CA ASP B 120 14.16 12.31 -3.24
C ASP B 120 14.89 13.18 -2.23
N SER B 121 15.07 14.47 -2.52
CA SER B 121 15.69 15.40 -1.57
C SER B 121 14.99 15.38 -0.22
N TYR B 122 13.69 15.15 -0.23
CA TYR B 122 12.89 15.26 0.98
C TYR B 122 12.85 13.95 1.78
N TRP B 123 12.65 12.81 1.11
CA TRP B 123 12.48 11.56 1.84
C TRP B 123 13.77 10.76 2.01
N PHE B 124 14.78 10.98 1.16
CA PHE B 124 16.04 10.27 1.32
C PHE B 124 16.67 10.46 2.70
N PRO B 125 16.61 11.66 3.30
CA PRO B 125 17.18 11.80 4.66
C PRO B 125 16.53 10.87 5.68
N LEU B 126 15.23 10.60 5.55
CA LEU B 126 14.57 9.65 6.44
C LEU B 126 15.07 8.23 6.18
N LEU B 127 15.19 7.85 4.90
CA LEU B 127 15.74 6.54 4.56
C LEU B 127 17.14 6.35 5.14
N LEU B 128 17.99 7.37 5.05
CA LEU B 128 19.36 7.23 5.53
C LEU B 128 19.42 7.10 7.04
N GLN B 129 18.44 7.64 7.76
CA GLN B 129 18.38 7.50 9.21
C GLN B 129 17.61 6.27 9.65
N LYS B 130 17.25 5.39 8.70
CA LYS B 130 16.54 4.14 9.00
C LYS B 130 15.17 4.41 9.64
N LYS B 131 14.56 5.53 9.28
N LYS B 131 14.50 5.47 9.18
CA LYS B 131 13.21 5.81 9.70
CA LYS B 131 13.19 5.87 9.71
C LYS B 131 12.25 5.30 8.63
C LYS B 131 12.11 5.67 8.66
N LYS B 132 11.04 4.99 9.05
CA LYS B 132 9.98 4.63 8.12
C LYS B 132 9.13 5.85 7.82
N PHE B 133 8.62 5.96 6.59
CA PHE B 133 7.96 7.18 6.18
C PHE B 133 6.79 6.93 5.23
N HIS B 134 5.86 7.88 5.23
N HIS B 134 5.87 7.89 5.20
CA HIS B 134 4.82 8.00 4.22
CA HIS B 134 4.83 7.97 4.19
C HIS B 134 4.97 9.37 3.56
C HIS B 134 4.86 9.36 3.58
N GLY B 135 4.75 9.42 2.26
CA GLY B 135 4.86 10.68 1.55
C GLY B 135 3.82 10.76 0.45
N TYR B 136 3.57 12.00 0.02
CA TYR B 136 2.71 12.32 -1.10
C TYR B 136 3.34 13.51 -1.80
N PHE B 137 3.41 13.47 -3.14
CA PHE B 137 3.96 14.58 -3.89
C PHE B 137 3.12 14.81 -5.14
N LYS B 138 2.68 16.05 -5.34
CA LYS B 138 1.99 16.46 -6.56
C LYS B 138 2.97 17.16 -7.46
N PHE B 139 3.14 16.65 -8.68
CA PHE B 139 4.14 17.11 -9.62
C PHE B 139 3.48 17.78 -10.81
N GLN B 140 4.08 18.89 -11.24
CA GLN B 140 3.83 19.48 -12.55
C GLN B 140 5.00 19.06 -13.43
N GLY B 141 4.76 18.12 -14.34
CA GLY B 141 5.87 17.62 -15.13
C GLY B 141 6.89 16.88 -14.27
N GLN B 142 8.14 16.87 -14.73
CA GLN B 142 9.20 16.10 -14.10
C GLN B 142 9.97 16.87 -13.04
N ASP B 143 9.82 18.20 -12.97
CA ASP B 143 10.73 19.01 -12.20
C ASP B 143 10.10 19.77 -11.03
N THR B 144 8.78 19.93 -10.99
CA THR B 144 8.15 20.93 -10.14
C THR B 144 7.15 20.28 -9.18
N ILE B 145 7.42 20.42 -7.88
CA ILE B 145 6.51 19.97 -6.83
C ILE B 145 5.59 21.12 -6.47
N LEU B 146 4.28 20.90 -6.56
CA LEU B 146 3.29 21.91 -6.20
C LEU B 146 2.75 21.74 -4.79
N ASP B 147 2.82 20.53 -4.24
CA ASP B 147 2.31 20.23 -2.92
C ASP B 147 2.92 18.92 -2.49
N TYR B 148 3.22 18.77 -1.21
CA TYR B 148 3.71 17.50 -0.73
C TYR B 148 3.44 17.38 0.76
N THR B 149 3.41 16.12 1.23
CA THR B 149 3.38 15.80 2.64
C THR B 149 4.39 14.70 2.89
N LEU B 150 5.07 14.77 4.02
CA LEU B 150 6.03 13.75 4.38
C LEU B 150 5.99 13.58 5.88
N ARG B 151 5.82 12.34 6.34
CA ARG B 151 5.71 12.08 7.76
C ARG B 151 6.43 10.79 8.10
N GLU B 152 7.07 10.79 9.26
CA GLU B 152 7.63 9.56 9.80
C GLU B 152 6.51 8.74 10.41
N VAL B 153 6.58 7.43 10.21
CA VAL B 153 5.58 6.51 10.76
C VAL B 153 6.30 5.44 11.57
N ASP B 154 5.54 4.80 12.45
CA ASP B 154 6.08 3.67 13.19
C ASP B 154 6.08 2.41 12.35
N THR B 155 5.11 2.28 11.44
CA THR B 155 4.94 1.10 10.61
C THR B 155 4.55 1.55 9.22
N VAL B 156 5.21 1.00 8.20
CA VAL B 156 4.91 1.39 6.83
C VAL B 156 3.57 0.82 6.37
PG 6U4 C . -21.67 5.29 -0.57
O3G 6U4 C . -22.60 4.73 -1.61
O2G 6U4 C . -20.93 6.55 -0.99
O1G 6U4 C . -22.23 5.35 0.83
PB 6U4 C . -19.31 4.24 0.59
O1B 6U4 C . -18.43 5.42 0.28
O2B 6U4 C . -19.86 4.02 1.99
O3B 6U4 C . -20.52 4.18 -0.47
PA 6U4 C . -19.09 1.41 0.09
O2A 6U4 C . -19.74 1.26 -1.26
O1A 6U4 C . -19.83 1.08 1.36
O3A 6U4 C . -18.49 2.91 0.18
O5' 6U4 C . -17.69 0.64 0.10
C5' 6U4 C . -17.66 -0.79 0.06
C4' 6U4 C . -17.60 -1.26 1.50
O4' 6U4 C . -17.84 -2.66 1.47
C3' 6U4 C . -16.24 -1.08 2.13
O3' 6U4 C . -16.41 -0.95 3.55
C2' 6U4 C . -15.53 -2.38 1.89
C1' 6U4 C . -16.70 -3.35 1.99
N9 6U4 C . -16.48 -4.53 1.15
C8 6U4 C . -16.46 -4.57 -0.18
N7 6U4 C . -16.24 -5.85 -0.56
C5 6U4 C . -16.14 -6.60 0.56
C6 6U4 C . -15.92 -7.93 0.82
N6 6U4 C . -15.77 -8.82 -0.20
N1 6U4 C . -15.86 -8.35 2.09
C2 6U4 C . -16.02 -7.52 3.13
N3 6U4 C . -16.24 -6.19 2.92
C4 6U4 C . -16.29 -5.74 1.65
O2 6U4 C . -15.96 -7.97 4.29
P IGU D . -19.37 1.28 0.13
OP1 IGU D . -20.32 0.44 -0.67
OP2 IGU D . -19.70 1.58 1.58
OP3 IGU D . -19.13 2.68 -0.61
O5' IGU D . -17.91 0.63 0.12
C5' IGU D . -17.75 -0.78 0.15
C4' IGU D . -17.55 -1.23 1.59
O4' IGU D . -17.83 -2.63 1.68
C3' IGU D . -16.12 -1.03 2.07
O3' IGU D . -16.12 -0.79 3.47
C2' IGU D . -15.48 -2.39 1.88
C1' IGU D . -16.66 -3.33 2.07
N9 IGU D . -16.47 -4.53 1.22
C8 IGU D . -16.45 -4.58 -0.12
N7 IGU D . -16.26 -5.87 -0.50
C6 IGU D . -15.99 -7.96 0.88
N6 IGU D . -15.85 -8.83 -0.15
C5 IGU D . -16.18 -6.61 0.63
N1 IGU D . -15.94 -8.38 2.16
C2 IGU D . -16.08 -7.53 3.20
O2 IGU D . -16.04 -7.98 4.36
N3 IGU D . -16.27 -6.21 2.98
C4 IGU D . -16.31 -5.75 1.70
MN MN E . -20.15 2.39 3.21
MN MN F . -20.23 5.36 3.76
MN MN G . -18.18 7.48 1.63
PG 6U4 H . 9.60 -0.63 -17.89
O3G 6U4 H . 8.88 -0.60 -19.22
O2G 6U4 H . 10.39 0.62 -17.58
O1G 6U4 H . 10.33 -1.92 -17.62
PB 6U4 H . 8.72 -0.75 -15.24
O1B 6U4 H . 7.86 -1.87 -14.72
O2B 6U4 H . 10.21 -0.81 -15.05
O3B 6U4 H . 8.40 -0.59 -16.81
PA 6U4 H . 8.93 2.01 -14.53
O2A 6U4 H . 8.35 2.96 -15.55
O1A 6U4 H . 10.42 1.77 -14.50
O3A 6U4 H . 8.11 0.62 -14.61
O5' 6U4 H . 8.52 2.56 -13.07
C5' 6U4 H . 9.00 3.84 -12.66
C4' 6U4 H . 9.97 3.63 -11.50
O4' 6U4 H . 10.49 4.90 -11.08
C3' 6U4 H . 9.30 3.01 -10.29
O3' 6U4 H . 10.20 2.07 -9.67
C2' 6U4 H . 9.06 4.16 -9.35
C1' 6U4 H . 10.14 5.16 -9.72
N9 6U4 H . 9.60 6.53 -9.59
C8 6U4 H . 8.55 7.06 -10.21
N7 6U4 H . 8.40 8.34 -9.82
C5 6U4 H . 9.38 8.61 -8.94
C6 6U4 H . 9.74 9.73 -8.20
N6 6U4 H . 9.01 10.87 -8.32
N1 6U4 H . 10.81 9.67 -7.38
C2 6U4 H . 11.52 8.53 -7.27
N3 6U4 H . 11.20 7.43 -7.98
C4 6U4 H . 10.14 7.46 -8.81
O2 6U4 H . 12.52 8.47 -6.52
P IGU I . 9.03 2.37 -14.57
OP1 IGU I . 8.47 3.49 -15.41
OP2 IGU I . 10.53 2.20 -14.45
OP3 IGU I . 8.40 0.96 -15.04
O5' IGU I . 8.46 2.53 -13.08
C5' IGU I . 8.71 3.76 -12.42
C4' IGU I . 9.90 3.62 -11.51
O4' IGU I . 10.38 4.94 -11.24
C3' IGU I . 9.54 3.03 -10.16
O3' IGU I . 10.68 2.38 -9.57
C2' IGU I . 9.22 4.25 -9.33
C1' IGU I . 10.20 5.26 -9.89
N9 IGU I . 9.67 6.64 -9.74
C8 IGU I . 8.65 7.19 -10.41
N7 IGU I . 8.48 8.46 -9.97
C6 IGU I . 9.71 9.78 -8.22
N6 IGU I . 9.01 10.93 -8.31
C5 IGU I . 9.40 8.69 -9.02
N1 IGU I . 10.72 9.67 -7.34
C2 IGU I . 11.44 8.53 -7.22
O2 IGU I . 12.38 8.47 -6.40
N3 IGU I . 11.17 7.45 -7.99
C4 IGU I . 10.15 7.53 -8.88
MN MN J . 11.92 0.27 -13.98
MN MN K . 11.80 -2.68 -14.88
#